data_4GEQ
#
_entry.id   4GEQ
#
_cell.length_a   34.142
_cell.length_b   61.848
_cell.length_c   139.056
_cell.angle_alpha   90.00
_cell.angle_beta   90.00
_cell.angle_gamma   90.00
#
_symmetry.space_group_name_H-M   'P 21 21 21'
#
loop_
_entity.id
_entity.type
_entity.pdbx_description
1 polymer 'Kinetochore protein SPC25'
2 polymer 'Kinetochore protein SPC24'
3 polymer 'Kinetochore-associated protein CNN1'
4 non-polymer GLYCEROL
5 water water
#
loop_
_entity_poly.entity_id
_entity_poly.type
_entity_poly.pdbx_seq_one_letter_code
_entity_poly.pdbx_strand_id
1 'polypeptide(L)'
;MNDAAEVALYERLLQLRVLPGASDVHDVRFVFGDDSRCWIEVAMHGDHVIGNSHPALDPKSRATLEHVLTVQGDLAAFLV
VARDMLLASL
;
A,C
2 'polypeptide(L)' MANENILKLKLYRSLGVILDLENDQVLINRKNDGNIDILPLDNNLSDFYKTKYIWERLGKHHHHHH B,D
3 'polypeptide(L)' NKDPNEVRSFLQDLSQVLARKSQGN E,F
#
loop_
_chem_comp.id
_chem_comp.type
_chem_comp.name
_chem_comp.formula
GOL non-polymer GLYCEROL 'C3 H8 O3'
#
# COMPACT_ATOMS: atom_id res chain seq x y z
N ASN A 2 -18.43 -17.36 18.23
CA ASN A 2 -18.45 -18.62 17.47
C ASN A 2 -17.94 -18.37 16.04
N ASP A 3 -16.90 -19.10 15.58
CA ASP A 3 -16.21 -18.83 14.30
C ASP A 3 -17.13 -18.78 13.07
N ALA A 4 -18.03 -19.76 12.94
CA ALA A 4 -18.94 -19.85 11.78
C ALA A 4 -19.95 -18.69 11.78
N ALA A 5 -20.38 -18.28 12.97
CA ALA A 5 -21.32 -17.16 13.17
C ALA A 5 -20.62 -15.84 12.85
N GLU A 6 -19.33 -15.71 13.25
CA GLU A 6 -18.50 -14.54 12.94
C GLU A 6 -18.34 -14.42 11.43
N VAL A 7 -18.09 -15.56 10.76
CA VAL A 7 -17.89 -15.61 9.30
C VAL A 7 -19.16 -15.10 8.62
N ALA A 8 -20.33 -15.67 8.99
CA ALA A 8 -21.64 -15.30 8.50
C ALA A 8 -21.87 -13.78 8.63
N LEU A 9 -21.45 -13.19 9.76
CA LEU A 9 -21.60 -11.75 10.03
C LEU A 9 -20.69 -10.92 9.12
N TYR A 10 -19.41 -11.32 9.00
CA TYR A 10 -18.47 -10.66 8.09
C TYR A 10 -18.98 -10.69 6.63
N GLU A 11 -19.52 -11.85 6.23
CA GLU A 11 -20.08 -12.06 4.87
C GLU A 11 -21.23 -11.09 4.64
N ARG A 12 -22.10 -10.93 5.65
CA ARG A 12 -23.26 -10.04 5.54
C ARG A 12 -22.78 -8.55 5.52
N LEU A 13 -21.84 -8.18 6.40
CA LEU A 13 -21.33 -6.80 6.46
C LEU A 13 -20.56 -6.40 5.20
N LEU A 14 -19.64 -7.25 4.72
CA LEU A 14 -18.79 -6.91 3.58
C LEU A 14 -19.35 -7.37 2.24
N GLN A 15 -20.34 -8.28 2.26
CA GLN A 15 -20.87 -8.92 1.05
C GLN A 15 -19.67 -9.53 0.29
N LEU A 16 -18.72 -10.14 1.06
CA LEU A 16 -17.54 -10.82 0.54
C LEU A 16 -17.53 -12.28 1.08
N ARG A 17 -17.59 -13.22 0.13
CA ARG A 17 -17.64 -14.64 0.39
C ARG A 17 -16.42 -15.30 -0.20
N VAL A 18 -15.77 -16.14 0.58
CA VAL A 18 -14.52 -16.85 0.19
C VAL A 18 -14.87 -18.28 -0.09
N LEU A 19 -14.68 -18.68 -1.35
CA LEU A 19 -15.07 -19.97 -1.87
C LEU A 19 -13.92 -20.77 -2.50
N PRO A 20 -14.07 -22.10 -2.66
CA PRO A 20 -13.05 -22.86 -3.42
C PRO A 20 -13.05 -22.42 -4.89
N GLY A 21 -11.90 -22.59 -5.55
CA GLY A 21 -11.80 -22.27 -6.97
C GLY A 21 -12.73 -23.19 -7.75
N ALA A 22 -13.33 -22.70 -8.85
CA ALA A 22 -14.25 -23.53 -9.64
C ALA A 22 -13.47 -24.52 -10.48
N SER A 23 -12.41 -24.05 -11.13
CA SER A 23 -11.57 -24.78 -12.05
C SER A 23 -10.52 -25.66 -11.37
N ASP A 24 -9.75 -25.11 -10.41
CA ASP A 24 -8.63 -25.82 -9.81
C ASP A 24 -8.63 -25.78 -8.26
N VAL A 25 -7.90 -26.74 -7.66
CA VAL A 25 -7.72 -26.91 -6.22
C VAL A 25 -6.84 -25.78 -5.64
N HIS A 26 -5.98 -25.15 -6.46
CA HIS A 26 -5.09 -24.08 -5.98
C HIS A 26 -5.74 -22.71 -5.98
N ASP A 27 -6.97 -22.58 -6.49
CA ASP A 27 -7.60 -21.27 -6.56
C ASP A 27 -8.53 -20.99 -5.38
N VAL A 28 -8.54 -19.73 -5.01
CA VAL A 28 -9.42 -19.17 -4.00
C VAL A 28 -10.33 -18.23 -4.78
N ARG A 29 -11.66 -18.38 -4.65
CA ARG A 29 -12.58 -17.48 -5.36
C ARG A 29 -13.18 -16.47 -4.37
N PHE A 30 -12.98 -15.16 -4.63
CA PHE A 30 -13.52 -14.05 -3.84
C PHE A 30 -14.75 -13.55 -4.57
N VAL A 31 -15.91 -13.66 -3.95
CA VAL A 31 -17.19 -13.28 -4.55
C VAL A 31 -17.66 -12.04 -3.84
N PHE A 32 -18.00 -11.00 -4.63
CA PHE A 32 -18.48 -9.74 -4.09
C PHE A 32 -19.94 -9.50 -4.46
N GLY A 33 -20.68 -8.90 -3.53
CA GLY A 33 -22.07 -8.51 -3.76
C GLY A 33 -23.08 -9.47 -3.18
N ASP A 34 -24.26 -8.92 -2.83
CA ASP A 34 -25.37 -9.65 -2.23
C ASP A 34 -25.85 -10.79 -3.13
N ASP A 35 -25.93 -10.55 -4.44
CA ASP A 35 -26.35 -11.52 -5.44
C ASP A 35 -25.18 -12.32 -6.03
N SER A 36 -23.94 -12.12 -5.51
CA SER A 36 -22.72 -12.76 -6.01
C SER A 36 -22.48 -12.39 -7.50
N ARG A 37 -22.73 -11.10 -7.83
CA ARG A 37 -22.65 -10.56 -9.18
C ARG A 37 -21.22 -10.52 -9.75
N CYS A 38 -20.18 -10.41 -8.89
CA CYS A 38 -18.84 -10.41 -9.42
CA CYS A 38 -18.79 -10.28 -9.30
C CYS A 38 -17.91 -11.26 -8.57
N TRP A 39 -16.85 -11.77 -9.21
CA TRP A 39 -15.89 -12.65 -8.53
C TRP A 39 -14.53 -12.59 -9.17
N ILE A 40 -13.51 -13.02 -8.44
CA ILE A 40 -12.14 -13.09 -8.95
C ILE A 40 -11.44 -14.26 -8.30
N GLU A 41 -10.70 -15.06 -9.09
CA GLU A 41 -9.93 -16.19 -8.51
C GLU A 41 -8.44 -15.87 -8.49
N VAL A 42 -7.72 -16.38 -7.45
CA VAL A 42 -6.29 -16.18 -7.28
C VAL A 42 -5.67 -17.50 -6.88
N ALA A 43 -4.42 -17.72 -7.27
CA ALA A 43 -3.65 -18.94 -7.00
C ALA A 43 -2.24 -18.58 -6.67
N MET A 44 -1.59 -19.36 -5.77
CA MET A 44 -0.20 -19.10 -5.40
C MET A 44 0.62 -20.37 -5.60
N HIS A 45 0.32 -21.10 -6.69
CA HIS A 45 1.00 -22.34 -7.05
C HIS A 45 2.10 -22.11 -8.12
N GLY A 46 2.27 -20.86 -8.55
CA GLY A 46 3.32 -20.46 -9.49
C GLY A 46 3.01 -20.54 -10.96
N ASP A 47 1.86 -21.16 -11.34
CA ASP A 47 1.43 -21.28 -12.73
C ASP A 47 0.90 -19.94 -13.23
N HIS A 48 0.31 -19.14 -12.30
CA HIS A 48 -0.28 -17.81 -12.48
C HIS A 48 -0.62 -17.24 -11.10
N VAL A 49 -0.94 -15.94 -11.02
CA VAL A 49 -1.35 -15.30 -9.76
C VAL A 49 -2.85 -14.94 -9.92
N ILE A 50 -3.19 -14.05 -10.85
CA ILE A 50 -4.57 -13.67 -11.09
C ILE A 50 -5.19 -14.71 -12.02
N GLY A 51 -6.25 -15.37 -11.56
CA GLY A 51 -6.93 -16.37 -12.36
C GLY A 51 -8.06 -15.69 -13.10
N ASN A 52 -9.20 -16.39 -13.21
CA ASN A 52 -10.36 -15.91 -13.94
C ASN A 52 -11.15 -14.93 -13.09
N SER A 53 -12.05 -14.16 -13.73
CA SER A 53 -12.87 -13.23 -12.98
C SER A 53 -14.17 -12.94 -13.76
N HIS A 54 -15.12 -12.40 -13.08
CA HIS A 54 -16.35 -11.95 -13.70
C HIS A 54 -16.70 -10.61 -13.13
N PRO A 55 -16.78 -9.54 -13.92
CA PRO A 55 -16.45 -9.47 -15.37
C PRO A 55 -14.94 -9.75 -15.58
N ALA A 56 -14.57 -10.21 -16.79
CA ALA A 56 -13.15 -10.45 -17.14
C ALA A 56 -12.49 -9.08 -17.16
N LEU A 57 -11.21 -8.97 -16.82
CA LEU A 57 -10.59 -7.62 -16.78
C LEU A 57 -9.54 -7.42 -17.86
N ASP A 58 -9.30 -6.16 -18.21
CA ASP A 58 -8.28 -5.76 -19.20
C ASP A 58 -6.85 -6.09 -18.68
N PRO A 59 -5.80 -6.15 -19.54
CA PRO A 59 -4.46 -6.53 -19.03
C PRO A 59 -3.86 -5.54 -18.02
N LYS A 60 -4.16 -4.24 -18.15
CA LYS A 60 -3.61 -3.23 -17.24
C LYS A 60 -4.19 -3.39 -15.84
N SER A 61 -5.50 -3.68 -15.76
CA SER A 61 -6.18 -3.88 -14.48
C SER A 61 -5.64 -5.13 -13.80
N ARG A 62 -5.48 -6.19 -14.59
CA ARG A 62 -4.94 -7.48 -14.14
C ARG A 62 -3.48 -7.34 -13.68
N ALA A 63 -2.68 -6.50 -14.38
CA ALA A 63 -1.27 -6.28 -13.99
C ALA A 63 -1.20 -5.50 -12.67
N THR A 64 -2.11 -4.52 -12.44
CA THR A 64 -2.17 -3.77 -11.17
C THR A 64 -2.49 -4.72 -10.04
N LEU A 65 -3.50 -5.60 -10.23
CA LEU A 65 -3.90 -6.55 -9.18
C LEU A 65 -2.78 -7.50 -8.82
N GLU A 66 -2.09 -8.09 -9.83
CA GLU A 66 -0.94 -8.97 -9.62
C GLU A 66 0.16 -8.29 -8.80
N HIS A 67 0.47 -6.99 -9.12
CA HIS A 67 1.47 -6.16 -8.45
C HIS A 67 1.10 -5.94 -6.99
N VAL A 68 -0.19 -5.67 -6.69
CA VAL A 68 -0.64 -5.44 -5.30
C VAL A 68 -0.37 -6.72 -4.45
N LEU A 69 -0.51 -7.92 -5.05
CA LEU A 69 -0.29 -9.19 -4.35
C LEU A 69 1.17 -9.59 -4.22
N THR A 70 1.94 -9.56 -5.32
CA THR A 70 3.34 -10.03 -5.42
C THR A 70 4.42 -8.95 -5.15
N VAL A 71 4.09 -7.67 -5.34
CA VAL A 71 5.06 -6.61 -5.10
C VAL A 71 4.79 -5.99 -3.69
N GLN A 72 3.56 -5.47 -3.44
CA GLN A 72 3.21 -4.88 -2.15
C GLN A 72 2.81 -5.94 -1.10
N GLY A 73 2.47 -7.15 -1.54
CA GLY A 73 2.07 -8.26 -0.68
C GLY A 73 0.94 -7.88 0.26
N ASP A 74 -0.04 -7.13 -0.24
CA ASP A 74 -1.14 -6.60 0.57
C ASP A 74 -2.46 -7.22 0.14
N LEU A 75 -2.90 -8.29 0.83
CA LEU A 75 -4.16 -8.97 0.51
C LEU A 75 -5.38 -8.05 0.64
N ALA A 76 -5.41 -7.20 1.69
CA ALA A 76 -6.49 -6.23 1.91
C ALA A 76 -6.63 -5.26 0.73
N ALA A 77 -5.53 -4.58 0.36
CA ALA A 77 -5.53 -3.63 -0.75
C ALA A 77 -5.92 -4.33 -2.06
N PHE A 78 -5.51 -5.64 -2.23
CA PHE A 78 -5.91 -6.41 -3.42
C PHE A 78 -7.44 -6.52 -3.47
N LEU A 79 -8.08 -6.86 -2.34
CA LEU A 79 -9.54 -7.02 -2.31
C LEU A 79 -10.24 -5.70 -2.54
N VAL A 80 -9.75 -4.61 -1.95
CA VAL A 80 -10.37 -3.29 -2.16
C VAL A 80 -10.27 -2.92 -3.67
N VAL A 81 -9.08 -3.02 -4.27
CA VAL A 81 -8.88 -2.67 -5.70
C VAL A 81 -9.66 -3.62 -6.58
N ALA A 82 -9.58 -4.93 -6.34
CA ALA A 82 -10.31 -5.92 -7.16
C ALA A 82 -11.80 -5.64 -7.14
N ARG A 83 -12.34 -5.32 -5.97
CA ARG A 83 -13.77 -5.03 -5.82
C ARG A 83 -14.20 -3.83 -6.64
N ASP A 84 -13.38 -2.75 -6.61
CA ASP A 84 -13.60 -1.53 -7.35
C ASP A 84 -13.61 -1.79 -8.84
N MET A 85 -12.59 -2.50 -9.33
CA MET A 85 -12.44 -2.86 -10.73
C MET A 85 -13.57 -3.72 -11.23
N LEU A 86 -13.96 -4.75 -10.44
CA LEU A 86 -15.05 -5.64 -10.89
C LEU A 86 -16.37 -4.92 -10.93
N LEU A 87 -16.67 -4.07 -9.90
CA LEU A 87 -17.90 -3.30 -9.90
C LEU A 87 -17.95 -2.23 -10.98
N ALA A 88 -16.80 -1.59 -11.30
CA ALA A 88 -16.74 -0.55 -12.32
C ALA A 88 -16.88 -1.16 -13.74
N SER A 89 -16.45 -2.39 -13.94
CA SER A 89 -16.45 -3.05 -15.24
C SER A 89 -17.76 -3.80 -15.54
N LEU A 90 -18.63 -4.01 -14.53
CA LEU A 90 -19.91 -4.72 -14.73
C LEU A 90 -20.78 -4.06 -15.80
N ALA B 2 -8.94 -28.02 11.18
CA ALA B 2 -8.75 -27.80 9.76
C ALA B 2 -9.92 -27.02 9.16
N ASN B 3 -10.53 -26.15 9.98
CA ASN B 3 -11.65 -25.40 9.49
C ASN B 3 -11.14 -24.26 8.63
N GLU B 4 -11.83 -24.08 7.54
CA GLU B 4 -11.58 -23.01 6.60
C GLU B 4 -12.09 -21.67 7.21
N ASN B 5 -12.91 -21.73 8.31
CA ASN B 5 -13.43 -20.55 8.99
C ASN B 5 -12.31 -19.84 9.76
N ILE B 6 -11.33 -20.58 10.32
CA ILE B 6 -10.17 -20.00 11.01
C ILE B 6 -9.36 -19.06 10.06
N LEU B 7 -9.01 -19.56 8.86
CA LEU B 7 -8.28 -18.77 7.88
C LEU B 7 -9.14 -17.66 7.28
N LYS B 8 -10.49 -17.88 7.13
CA LYS B 8 -11.37 -16.84 6.59
C LYS B 8 -11.38 -15.66 7.57
N LEU B 9 -11.48 -15.94 8.88
CA LEU B 9 -11.48 -14.88 9.89
C LEU B 9 -10.16 -14.13 9.88
N LYS B 10 -9.03 -14.84 9.63
CA LYS B 10 -7.70 -14.21 9.53
C LYS B 10 -7.73 -13.19 8.38
N LEU B 11 -8.34 -13.58 7.25
CA LEU B 11 -8.47 -12.73 6.08
C LEU B 11 -9.35 -11.51 6.38
N TYR B 12 -10.55 -11.74 6.96
CA TYR B 12 -11.49 -10.66 7.28
C TYR B 12 -10.89 -9.66 8.26
N ARG B 13 -10.18 -10.15 9.32
CA ARG B 13 -9.54 -9.24 10.26
C ARG B 13 -8.43 -8.41 9.60
N SER B 14 -7.65 -9.01 8.71
CA SER B 14 -6.55 -8.34 7.98
C SER B 14 -7.05 -7.15 7.14
N LEU B 15 -8.36 -7.10 6.83
CA LEU B 15 -8.99 -5.98 6.12
C LEU B 15 -9.08 -4.74 7.02
N GLY B 16 -8.99 -4.96 8.32
CA GLY B 16 -9.05 -3.91 9.34
C GLY B 16 -10.44 -3.72 9.91
N VAL B 17 -11.29 -4.73 9.73
CA VAL B 17 -12.67 -4.78 10.20
C VAL B 17 -12.68 -5.69 11.42
N ILE B 18 -13.04 -5.12 12.57
CA ILE B 18 -13.03 -5.85 13.84
C ILE B 18 -14.44 -5.90 14.40
N LEU B 19 -14.94 -7.11 14.68
CA LEU B 19 -16.27 -7.24 15.28
C LEU B 19 -16.20 -7.05 16.79
N ASP B 20 -17.02 -6.17 17.29
CA ASP B 20 -17.11 -5.89 18.73
C ASP B 20 -18.58 -5.99 19.09
N LEU B 21 -19.08 -7.23 19.18
CA LEU B 21 -20.50 -7.52 19.46
C LEU B 21 -20.87 -7.24 20.91
N GLU B 22 -19.86 -7.17 21.82
CA GLU B 22 -20.10 -6.84 23.22
C GLU B 22 -20.64 -5.39 23.33
N ASN B 23 -20.38 -4.55 22.30
CA ASN B 23 -20.82 -3.16 22.22
C ASN B 23 -21.70 -2.91 20.99
N ASP B 24 -22.17 -3.99 20.35
CA ASP B 24 -23.02 -4.01 19.17
C ASP B 24 -22.45 -3.05 18.10
N GLN B 25 -21.15 -3.24 17.76
CA GLN B 25 -20.48 -2.33 16.82
C GLN B 25 -19.34 -2.98 16.05
N VAL B 26 -18.95 -2.31 14.95
CA VAL B 26 -17.86 -2.70 14.06
C VAL B 26 -16.82 -1.58 14.07
N LEU B 27 -15.56 -1.97 14.19
CA LEU B 27 -14.41 -1.06 14.16
C LEU B 27 -13.73 -1.18 12.83
N ILE B 28 -13.61 -0.06 12.15
CA ILE B 28 -13.02 -0.01 10.82
C ILE B 28 -11.70 0.73 10.92
N ASN B 29 -10.61 0.05 10.58
CA ASN B 29 -9.28 0.65 10.64
C ASN B 29 -9.12 1.51 9.39
N ARG B 30 -8.74 2.77 9.55
CA ARG B 30 -8.64 3.66 8.40
C ARG B 30 -7.20 3.74 7.90
N ASN B 32 -7.56 5.64 5.45
CA ASN B 32 -7.06 6.85 4.80
C ASN B 32 -6.15 7.66 5.75
N ASP B 33 -6.70 8.12 6.90
CA ASP B 33 -6.02 9.00 7.85
C ASP B 33 -5.27 8.27 8.98
N GLY B 34 -5.42 6.95 9.09
CA GLY B 34 -4.77 6.22 10.18
C GLY B 34 -5.45 6.46 11.51
N ASN B 35 -6.79 6.32 11.50
CA ASN B 35 -7.67 6.48 12.67
C ASN B 35 -8.65 5.31 12.73
N ILE B 36 -9.55 5.28 13.73
CA ILE B 36 -10.52 4.21 13.87
C ILE B 36 -11.94 4.73 13.64
N ASP B 37 -12.68 4.10 12.72
CA ASP B 37 -14.08 4.44 12.46
C ASP B 37 -14.92 3.37 13.14
N ILE B 38 -15.99 3.78 13.81
CA ILE B 38 -16.84 2.85 14.54
C ILE B 38 -18.27 2.96 14.01
N LEU B 39 -18.81 1.84 13.54
CA LEU B 39 -20.19 1.78 13.05
C LEU B 39 -21.05 0.93 13.99
N PRO B 40 -22.10 1.55 14.60
CA PRO B 40 -23.00 0.77 15.47
C PRO B 40 -23.85 -0.19 14.66
N LEU B 41 -24.33 -1.28 15.27
CA LEU B 41 -25.17 -2.27 14.58
C LEU B 41 -26.58 -2.31 15.21
N ASP B 42 -26.78 -1.58 16.32
CA ASP B 42 -28.04 -1.54 17.06
C ASP B 42 -28.90 -0.35 16.60
N ASN B 43 -29.16 -0.29 15.31
CA ASN B 43 -29.94 0.82 14.75
C ASN B 43 -30.80 0.28 13.61
N ASN B 44 -31.34 1.19 12.80
CA ASN B 44 -32.20 0.79 11.70
C ASN B 44 -31.45 0.83 10.38
N LEU B 45 -30.10 0.86 10.41
CA LEU B 45 -29.27 0.90 9.21
C LEU B 45 -29.46 -0.33 8.36
N SER B 46 -29.64 -0.12 7.07
CA SER B 46 -29.81 -1.24 6.14
C SER B 46 -28.49 -1.99 5.93
N ASP B 47 -28.56 -3.23 5.48
CA ASP B 47 -27.39 -4.02 5.14
C ASP B 47 -26.57 -3.30 4.05
N PHE B 48 -27.27 -2.78 3.01
CA PHE B 48 -26.68 -2.05 1.89
C PHE B 48 -25.86 -0.83 2.35
N TYR B 49 -26.44 0.01 3.23
CA TYR B 49 -25.74 1.17 3.75
C TYR B 49 -24.45 0.76 4.54
N LYS B 50 -24.58 -0.16 5.53
CA LYS B 50 -23.46 -0.68 6.34
C LYS B 50 -22.31 -1.19 5.46
N THR B 51 -22.63 -1.91 4.35
CA THR B 51 -21.63 -2.48 3.41
C THR B 51 -20.93 -1.33 2.69
N LYS B 52 -21.69 -0.33 2.23
CA LYS B 52 -21.17 0.83 1.52
C LYS B 52 -20.24 1.62 2.47
N TYR B 53 -20.72 1.88 3.70
CA TYR B 53 -20.01 2.58 4.75
C TYR B 53 -18.64 1.92 4.98
N ILE B 54 -18.62 0.59 5.15
CA ILE B 54 -17.38 -0.16 5.44
C ILE B 54 -16.39 -0.09 4.27
N TRP B 55 -16.78 -0.48 3.04
CA TRP B 55 -15.87 -0.47 1.90
C TRP B 55 -15.31 0.92 1.60
N GLU B 56 -16.13 1.98 1.69
CA GLU B 56 -15.68 3.35 1.45
C GLU B 56 -14.50 3.74 2.37
N ARG B 57 -14.43 3.17 3.58
CA ARG B 57 -13.37 3.46 4.56
C ARG B 57 -12.17 2.50 4.53
N LEU B 58 -12.14 1.50 3.63
CA LEU B 58 -10.99 0.57 3.53
C LEU B 58 -10.00 0.98 2.44
N GLY B 59 -10.41 1.77 1.45
CA GLY B 59 -9.47 2.23 0.43
C GLY B 59 -9.40 3.72 0.20
N LYS B 60 -8.20 4.21 -0.22
CA LYS B 60 -7.83 5.62 -0.50
C LYS B 60 -9.01 6.58 -0.73
N MET C 1 2.31 3.08 18.55
CA MET C 1 2.64 3.42 17.17
C MET C 1 3.90 2.64 16.72
N ASN C 2 3.67 1.47 16.10
CA ASN C 2 4.74 0.60 15.57
C ASN C 2 5.35 1.19 14.27
N ASP C 3 6.51 0.65 13.87
CA ASP C 3 7.26 0.98 12.66
C ASP C 3 6.38 1.03 11.39
N ALA C 4 5.44 0.07 11.23
CA ALA C 4 4.56 0.02 10.06
C ALA C 4 3.57 1.20 10.05
N ALA C 5 3.12 1.61 11.24
CA ALA C 5 2.21 2.76 11.42
C ALA C 5 2.96 4.05 11.14
N GLU C 6 4.24 4.16 11.56
CA GLU C 6 5.11 5.30 11.28
C GLU C 6 5.31 5.44 9.77
N VAL C 7 5.55 4.30 9.09
CA VAL C 7 5.75 4.25 7.63
C VAL C 7 4.50 4.79 6.94
N ALA C 8 3.32 4.24 7.29
CA ALA C 8 2.02 4.65 6.77
C ALA C 8 1.81 6.17 6.94
N LEU C 9 2.24 6.74 8.10
CA LEU C 9 2.10 8.18 8.38
C LEU C 9 3.02 9.00 7.48
N TYR C 10 4.29 8.58 7.33
CA TYR C 10 5.23 9.24 6.44
C TYR C 10 4.72 9.23 4.98
N GLU C 11 4.14 8.08 4.52
CA GLU C 11 3.58 7.98 3.14
C GLU C 11 2.42 8.94 2.98
N ARG C 12 1.59 9.08 4.01
CA ARG C 12 0.45 9.97 3.91
C ARG C 12 0.94 11.44 3.89
N LEU C 13 1.93 11.77 4.72
CA LEU C 13 2.43 13.14 4.80
C LEU C 13 3.21 13.56 3.57
N LEU C 14 4.09 12.71 3.08
CA LEU C 14 4.94 13.05 1.95
C LEU C 14 4.37 12.63 0.60
N GLN C 15 3.38 11.73 0.62
CA GLN C 15 2.85 11.08 -0.57
C GLN C 15 4.03 10.43 -1.32
N LEU C 16 4.96 9.81 -0.55
CA LEU C 16 6.10 9.15 -1.12
C LEU C 16 6.18 7.71 -0.61
N ARG C 17 6.15 6.77 -1.56
CA ARG C 17 6.18 5.36 -1.24
C ARG C 17 7.44 4.73 -1.80
N VAL C 18 8.01 3.80 -1.06
CA VAL C 18 9.25 3.09 -1.42
C VAL C 18 8.92 1.66 -1.71
N LEU C 19 9.11 1.28 -2.98
CA LEU C 19 8.74 -0.02 -3.49
C LEU C 19 9.91 -0.79 -4.15
N PRO C 20 9.79 -2.15 -4.29
CA PRO C 20 10.80 -2.88 -5.08
C PRO C 20 10.80 -2.41 -6.54
N GLY C 21 11.93 -2.57 -7.20
CA GLY C 21 12.04 -2.24 -8.63
C GLY C 21 11.11 -3.14 -9.41
N ALA C 22 10.51 -2.64 -10.52
CA ALA C 22 9.61 -3.48 -11.29
C ALA C 22 10.39 -4.46 -12.16
N SER C 23 11.43 -3.96 -12.80
CA SER C 23 12.28 -4.69 -13.75
C SER C 23 13.35 -5.58 -13.07
N ASP C 24 14.11 -5.03 -12.11
CA ASP C 24 15.23 -5.75 -11.50
C ASP C 24 15.21 -5.73 -9.96
N VAL C 25 15.95 -6.69 -9.36
CA VAL C 25 16.13 -6.88 -7.92
C VAL C 25 17.00 -5.76 -7.34
N HIS C 26 17.87 -5.11 -8.14
CA HIS C 26 18.74 -4.04 -7.63
C HIS C 26 18.09 -2.67 -7.61
N ASP C 27 16.85 -2.54 -8.15
CA ASP C 27 16.21 -1.24 -8.20
C ASP C 27 15.30 -0.96 -7.04
N VAL C 28 15.27 0.30 -6.64
CA VAL C 28 14.36 0.85 -5.63
C VAL C 28 13.46 1.79 -6.41
N ARG C 29 12.13 1.63 -6.31
CA ARG C 29 11.21 2.53 -6.98
C ARG C 29 10.60 3.54 -5.98
N PHE C 30 10.80 4.85 -6.22
CA PHE C 30 10.25 5.95 -5.43
C PHE C 30 9.03 6.45 -6.17
N VAL C 31 7.85 6.31 -5.54
CA VAL C 31 6.55 6.67 -6.11
C VAL C 31 6.04 7.93 -5.42
N PHE C 32 5.68 8.97 -6.21
CA PHE C 32 5.16 10.22 -5.67
C PHE C 32 3.71 10.42 -5.97
N GLY C 33 3.00 11.04 -5.02
CA GLY C 33 1.58 11.36 -5.17
C GLY C 33 0.64 10.24 -4.82
N ASP C 34 -0.57 10.62 -4.35
CA ASP C 34 -1.68 9.74 -3.93
C ASP C 34 -2.00 8.65 -4.98
N ASP C 35 -2.22 9.09 -6.22
CA ASP C 35 -2.60 8.25 -7.35
C ASP C 35 -1.43 7.51 -8.01
N SER C 36 -0.19 7.64 -7.46
CA SER C 36 1.04 7.03 -7.99
C SER C 36 1.34 7.62 -9.40
N ARG C 37 1.07 8.92 -9.56
CA ARG C 37 1.19 9.62 -10.85
C ARG C 37 2.62 9.65 -11.39
N CYS C 38 3.64 9.73 -10.52
CA CYS C 38 5.06 9.86 -10.90
C CYS C 38 5.90 8.82 -10.16
N TRP C 39 6.95 8.31 -10.79
CA TRP C 39 7.89 7.39 -10.13
C TRP C 39 9.26 7.46 -10.75
N ILE C 40 10.28 7.01 -10.02
CA ILE C 40 11.65 6.97 -10.52
C ILE C 40 12.36 5.79 -9.86
N GLU C 41 13.11 5.01 -10.65
CA GLU C 41 13.89 3.88 -10.09
C GLU C 41 15.37 4.19 -10.04
N VAL C 42 16.08 3.69 -9.00
CA VAL C 42 17.52 3.89 -8.81
C VAL C 42 18.14 2.55 -8.44
N ALA C 43 19.40 2.36 -8.80
CA ALA C 43 20.16 1.12 -8.55
C ALA C 43 21.57 1.49 -8.17
N MET C 44 22.21 0.70 -7.29
CA MET C 44 23.59 0.95 -6.88
C MET C 44 24.43 -0.32 -7.11
N HIS C 45 24.15 -1.01 -8.22
CA HIS C 45 24.84 -2.24 -8.59
C HIS C 45 25.95 -1.99 -9.64
N GLY C 46 26.12 -0.73 -10.06
CA GLY C 46 27.19 -0.31 -10.96
C GLY C 46 26.90 -0.37 -12.45
N ASP C 47 25.79 -0.99 -12.85
CA ASP C 47 25.38 -1.08 -14.26
C ASP C 47 24.82 0.26 -14.74
N HIS C 48 24.22 1.03 -13.81
CA HIS C 48 23.61 2.35 -13.95
C HIS C 48 23.24 2.90 -12.56
N VAL C 49 22.93 4.19 -12.47
CA VAL C 49 22.50 4.81 -11.21
C VAL C 49 21.00 5.16 -11.38
N ILE C 50 20.67 6.06 -12.31
CA ILE C 50 19.28 6.44 -12.57
C ILE C 50 18.68 5.39 -13.52
N GLY C 51 17.62 4.71 -13.08
CA GLY C 51 16.93 3.74 -13.89
C GLY C 51 15.81 4.43 -14.64
N ASN C 52 14.65 3.73 -14.78
CA ASN C 52 13.49 4.22 -15.50
C ASN C 52 12.69 5.18 -14.65
N SER C 53 11.80 5.94 -15.29
CA SER C 53 10.94 6.87 -14.55
C SER C 53 9.67 7.15 -15.33
N HIS C 54 8.69 7.69 -14.65
CA HIS C 54 7.47 8.14 -15.29
C HIS C 54 7.13 9.48 -14.73
N PRO C 55 7.06 10.56 -15.52
CA PRO C 55 7.40 10.63 -16.97
C PRO C 55 8.90 10.38 -17.15
N ALA C 56 9.29 9.92 -18.36
CA ALA C 56 10.69 9.67 -18.70
C ALA C 56 11.38 11.03 -18.72
N LEU C 57 12.68 11.11 -18.38
CA LEU C 57 13.30 12.47 -18.30
C LEU C 57 14.36 12.69 -19.35
N ASP C 58 14.62 13.95 -19.70
CA ASP C 58 15.64 14.36 -20.66
C ASP C 58 17.06 14.05 -20.13
N PRO C 59 18.13 13.98 -20.97
CA PRO C 59 19.47 13.62 -20.44
C PRO C 59 20.04 14.61 -19.43
N LYS C 60 19.74 15.92 -19.55
CA LYS C 60 20.28 16.91 -18.63
C LYS C 60 19.68 16.74 -17.23
N SER C 61 18.37 16.44 -17.17
CA SER C 61 17.66 16.23 -15.92
C SER C 61 18.20 14.99 -15.22
N ARG C 62 18.37 13.92 -16.01
CA ARG C 62 18.93 12.64 -15.56
C ARG C 62 20.38 12.79 -15.09
N ALA C 63 21.19 13.64 -15.77
CA ALA C 63 22.58 13.86 -15.35
C ALA C 63 22.64 14.63 -14.03
N THR C 64 21.72 15.61 -13.81
CA THR C 64 21.63 16.36 -12.54
C THR C 64 21.30 15.39 -11.41
N LEU C 65 20.31 14.50 -11.64
CA LEU C 65 19.89 13.55 -10.60
C LEU C 65 21.01 12.59 -10.22
N GLU C 66 21.72 12.03 -11.22
CA GLU C 66 22.87 11.13 -11.00
C GLU C 66 23.94 11.81 -10.15
N HIS C 67 24.25 13.10 -10.46
CA HIS C 67 25.25 13.92 -9.80
C HIS C 67 24.86 14.16 -8.31
N VAL C 68 23.56 14.41 -8.02
CA VAL C 68 23.08 14.64 -6.66
C VAL C 68 23.34 13.37 -5.79
N LEU C 69 23.20 12.17 -6.40
CA LEU C 69 23.42 10.89 -5.69
C LEU C 69 24.88 10.49 -5.52
N THR C 70 25.66 10.52 -6.61
CA THR C 70 27.05 10.04 -6.68
C THR C 70 28.11 11.08 -6.34
N VAL C 71 27.76 12.37 -6.27
CA VAL C 71 28.75 13.38 -5.92
C VAL C 71 28.35 14.05 -4.61
N GLN C 72 27.14 14.63 -4.54
CA GLN C 72 26.63 15.31 -3.36
C GLN C 72 26.20 14.29 -2.28
N GLY C 73 26.07 13.01 -2.65
CA GLY C 73 25.65 11.93 -1.76
C GLY C 73 24.47 12.31 -0.89
N ASP C 74 23.52 12.99 -1.49
CA ASP C 74 22.38 13.54 -0.81
C ASP C 74 21.10 12.89 -1.27
N LEU C 75 20.67 11.83 -0.56
CA LEU C 75 19.45 11.12 -0.91
C LEU C 75 18.23 12.03 -0.81
N ALA C 76 18.17 12.89 0.23
CA ALA C 76 17.10 13.87 0.43
C ALA C 76 16.98 14.82 -0.76
N ALA C 77 18.08 15.50 -1.13
CA ALA C 77 18.10 16.45 -2.22
C ALA C 77 17.75 15.73 -3.54
N PHE C 78 18.15 14.45 -3.70
CA PHE C 78 17.79 13.66 -4.91
C PHE C 78 16.27 13.54 -4.99
N LEU C 79 15.60 13.19 -3.86
CA LEU C 79 14.14 13.02 -3.86
C LEU C 79 13.43 14.35 -4.09
N VAL C 80 13.92 15.43 -3.51
CA VAL C 80 13.29 16.76 -3.73
C VAL C 80 13.43 17.13 -5.21
N VAL C 81 14.64 17.05 -5.79
CA VAL C 81 14.86 17.40 -7.21
C VAL C 81 14.09 16.46 -8.12
N ALA C 82 14.14 15.14 -7.87
CA ALA C 82 13.45 14.16 -8.71
C ALA C 82 11.96 14.43 -8.70
N ARG C 83 11.40 14.75 -7.54
CA ARG C 83 9.97 15.04 -7.40
C ARG C 83 9.55 16.24 -8.23
N ASP C 84 10.36 17.31 -8.18
CA ASP C 84 10.14 18.56 -8.92
C ASP C 84 10.15 18.29 -10.40
N MET C 85 11.19 17.58 -10.88
CA MET C 85 11.36 17.23 -12.29
C MET C 85 10.23 16.37 -12.80
N LEU C 86 9.83 15.35 -12.02
CA LEU C 86 8.75 14.45 -12.48
C LEU C 86 7.42 15.17 -12.54
N LEU C 87 7.12 16.01 -11.52
CA LEU C 87 5.88 16.80 -11.51
C LEU C 87 5.85 17.88 -12.59
N ALA C 88 6.99 18.52 -12.88
CA ALA C 88 7.08 19.56 -13.92
C ALA C 88 6.95 18.96 -15.34
N SER C 89 7.40 17.72 -15.53
CA SER C 89 7.41 17.07 -16.84
C SER C 89 6.11 16.31 -17.15
N LEU C 90 5.22 16.10 -16.16
CA LEU C 90 3.96 15.39 -16.38
C LEU C 90 3.11 16.07 -17.48
N ALA D 2 8.32 -5.40 7.89
CA ALA D 2 9.13 -5.77 9.05
C ALA D 2 10.53 -5.11 9.00
N ASN D 3 11.53 -5.75 8.32
CA ASN D 3 12.89 -5.20 8.19
C ASN D 3 12.94 -4.07 7.18
N GLU D 4 12.08 -4.12 6.14
CA GLU D 4 12.05 -3.05 5.15
C GLU D 4 11.54 -1.75 5.79
N ASN D 5 10.69 -1.84 6.84
CA ASN D 5 10.17 -0.64 7.50
C ASN D 5 11.30 0.11 8.24
N ILE D 6 12.28 -0.62 8.85
CA ILE D 6 13.45 -0.04 9.56
C ILE D 6 14.27 0.85 8.59
N LEU D 7 14.56 0.37 7.38
CA LEU D 7 15.30 1.15 6.39
C LEU D 7 14.39 2.23 5.76
N LYS D 8 13.08 1.94 5.64
CA LYS D 8 12.17 2.93 5.11
C LYS D 8 12.09 4.13 6.06
N LEU D 9 12.05 3.88 7.40
CA LEU D 9 12.03 4.96 8.39
C LEU D 9 13.37 5.67 8.35
N LYS D 10 14.47 4.95 8.06
CA LYS D 10 15.80 5.53 7.97
C LYS D 10 15.80 6.57 6.85
N LEU D 11 15.28 6.19 5.68
CA LEU D 11 15.18 7.06 4.49
C LEU D 11 14.34 8.29 4.78
N TYR D 12 13.13 8.08 5.36
CA TYR D 12 12.20 9.18 5.69
C TYR D 12 12.83 10.17 6.65
N ARG D 13 13.54 9.68 7.71
CA ARG D 13 14.19 10.59 8.66
C ARG D 13 15.32 11.40 7.99
N SER D 14 16.09 10.76 7.09
CA SER D 14 17.20 11.42 6.38
C SER D 14 16.72 12.62 5.53
N LEU D 15 15.40 12.67 5.20
CA LEU D 15 14.79 13.80 4.48
C LEU D 15 14.71 15.03 5.37
N GLY D 16 14.81 14.84 6.68
CA GLY D 16 14.74 15.89 7.68
C GLY D 16 13.34 16.09 8.25
N VAL D 17 12.48 15.09 8.07
CA VAL D 17 11.11 15.06 8.55
C VAL D 17 11.10 14.16 9.77
N ILE D 18 10.77 14.71 10.93
CA ILE D 18 10.78 13.97 12.21
C ILE D 18 9.39 13.93 12.79
N LEU D 19 8.88 12.72 13.10
CA LEU D 19 7.56 12.61 13.70
C LEU D 19 7.65 12.81 15.21
N ASP D 20 6.84 13.69 15.72
CA ASP D 20 6.77 13.98 17.16
C ASP D 20 5.32 13.87 17.55
N LEU D 21 4.83 12.61 17.67
CA LEU D 21 3.41 12.32 17.97
C LEU D 21 3.05 12.61 19.41
N GLU D 22 4.05 12.70 20.31
CA GLU D 22 3.81 13.06 21.71
C GLU D 22 3.26 14.51 21.79
N ASN D 23 3.52 15.33 20.75
CA ASN D 23 3.06 16.72 20.66
C ASN D 23 2.17 16.95 19.42
N ASP D 24 1.71 15.84 18.79
CA ASP D 24 0.86 15.81 17.60
C ASP D 24 1.41 16.77 16.53
N GLN D 25 2.71 16.59 16.18
CA GLN D 25 3.38 17.49 15.24
C GLN D 25 4.51 16.86 14.47
N VAL D 26 4.89 17.51 13.37
CA VAL D 26 5.98 17.12 12.48
C VAL D 26 7.02 18.24 12.48
N LEU D 27 8.28 17.86 12.59
CA LEU D 27 9.42 18.78 12.54
C LEU D 27 10.09 18.66 11.18
N ILE D 28 10.26 19.79 10.51
CA ILE D 28 10.87 19.81 9.19
C ILE D 28 12.21 20.54 9.28
N ASN D 29 13.27 19.84 8.96
CA ASN D 29 14.61 20.41 9.04
C ASN D 29 14.85 21.27 7.81
N ARG D 30 15.41 22.47 8.00
CA ARG D 30 15.68 23.41 6.90
C ARG D 30 17.18 23.57 6.69
N ASP D 33 17.02 27.26 5.41
CA ASP D 33 17.54 28.43 6.12
C ASP D 33 18.32 28.03 7.40
N GLY D 34 18.55 26.72 7.57
CA GLY D 34 19.26 26.13 8.70
C GLY D 34 18.52 26.30 10.01
N ASN D 35 17.18 26.13 9.97
CA ASN D 35 16.27 26.26 11.11
C ASN D 35 15.28 25.09 11.12
N ILE D 36 14.34 25.06 12.09
CA ILE D 36 13.36 24.00 12.22
C ILE D 36 11.96 24.52 12.01
N ASP D 37 11.19 23.87 11.12
CA ASP D 37 9.79 24.24 10.86
C ASP D 37 8.89 23.23 11.55
N ILE D 38 7.86 23.69 12.28
CA ILE D 38 6.98 22.74 12.97
C ILE D 38 5.55 22.81 12.45
N LEU D 39 5.04 21.67 12.00
CA LEU D 39 3.66 21.59 11.50
C LEU D 39 2.79 20.76 12.42
N PRO D 40 1.75 21.38 13.04
CA PRO D 40 0.85 20.60 13.91
C PRO D 40 0.00 19.65 13.09
N LEU D 41 -0.48 18.57 13.71
CA LEU D 41 -1.33 17.59 13.02
C LEU D 41 -2.73 17.55 13.65
N ASP D 42 -2.93 18.28 14.76
CA ASP D 42 -4.19 18.32 15.50
C ASP D 42 -5.04 19.53 15.05
N ASN D 43 -5.32 19.59 13.76
CA ASN D 43 -6.08 20.71 13.23
C ASN D 43 -6.94 20.22 12.08
N ASN D 44 -7.49 21.13 11.29
CA ASN D 44 -8.34 20.77 10.17
C ASN D 44 -7.60 20.84 8.84
N LEU D 45 -6.25 20.85 8.89
CA LEU D 45 -5.42 20.91 7.68
C LEU D 45 -5.63 19.69 6.81
N SER D 46 -5.82 19.93 5.52
CA SER D 46 -6.00 18.84 4.56
CA SER D 46 -6.00 18.85 4.55
C SER D 46 -4.70 18.05 4.36
N ASP D 47 -4.81 16.81 3.89
CA ASP D 47 -3.64 16.01 3.57
C ASP D 47 -2.81 16.72 2.48
N PHE D 48 -3.50 17.27 1.45
CA PHE D 48 -2.90 17.99 0.33
C PHE D 48 -2.05 19.17 0.80
N TYR D 49 -2.62 20.04 1.68
CA TYR D 49 -1.90 21.19 2.21
C TYR D 49 -0.64 20.75 3.01
N LYS D 50 -0.77 19.82 3.98
CA LYS D 50 0.34 19.27 4.79
C LYS D 50 1.49 18.76 3.91
N THR D 51 1.16 18.04 2.81
CA THR D 51 2.14 17.46 1.85
C THR D 51 2.87 18.60 1.14
N LYS D 52 2.11 19.61 0.68
CA LYS D 52 2.66 20.78 0.01
C LYS D 52 3.58 21.54 0.95
N TYR D 53 3.09 21.81 2.18
CA TYR D 53 3.83 22.49 3.24
C TYR D 53 5.19 21.83 3.46
N ILE D 54 5.21 20.49 3.61
CA ILE D 54 6.44 19.72 3.90
C ILE D 54 7.42 19.81 2.74
N TRP D 55 7.02 19.44 1.51
CA TRP D 55 7.93 19.45 0.37
C TRP D 55 8.52 20.84 0.08
N GLU D 56 7.68 21.91 0.17
CA GLU D 56 8.13 23.29 -0.08
C GLU D 56 9.32 23.65 0.81
N ARG D 57 9.34 23.12 2.03
CA ARG D 57 10.40 23.37 3.02
C ARG D 57 11.55 22.34 2.96
N LEU D 58 11.55 21.44 1.98
CA LEU D 58 12.68 20.49 1.89
C LEU D 58 13.76 20.98 0.88
N GLY D 59 13.40 21.82 -0.09
CA GLY D 59 14.35 22.30 -1.10
C GLY D 59 14.44 23.80 -1.29
N LYS D 60 15.68 24.30 -1.57
CA LYS D 60 16.05 25.71 -1.75
C LYS D 60 14.99 26.53 -2.50
N ASP E 3 27.77 11.41 2.60
CA ASP E 3 28.79 10.56 1.97
C ASP E 3 28.17 9.76 0.80
N PRO E 4 28.68 9.89 -0.45
CA PRO E 4 28.09 9.12 -1.57
C PRO E 4 28.25 7.60 -1.37
N ASN E 5 29.34 7.16 -0.68
CA ASN E 5 29.57 5.75 -0.35
C ASN E 5 28.53 5.20 0.65
N GLU E 6 28.05 6.05 1.60
CA GLU E 6 27.01 5.67 2.56
C GLU E 6 25.64 5.52 1.86
N VAL E 7 25.31 6.45 0.95
CA VAL E 7 24.07 6.43 0.15
C VAL E 7 24.11 5.16 -0.72
N ARG E 8 25.28 4.85 -1.31
CA ARG E 8 25.48 3.67 -2.15
C ARG E 8 25.11 2.39 -1.37
N SER E 9 25.72 2.18 -0.17
CA SER E 9 25.47 0.98 0.64
C SER E 9 24.03 0.96 1.18
N PHE E 10 23.47 2.14 1.54
CA PHE E 10 22.07 2.22 2.00
C PHE E 10 21.12 1.79 0.87
N LEU E 11 21.27 2.37 -0.32
CA LEU E 11 20.42 1.99 -1.45
C LEU E 11 20.63 0.50 -1.82
N GLN E 12 21.84 -0.03 -1.61
CA GLN E 12 22.10 -1.47 -1.81
C GLN E 12 21.35 -2.31 -0.76
N ASP E 13 21.35 -1.86 0.52
CA ASP E 13 20.65 -2.56 1.60
C ASP E 13 19.13 -2.48 1.40
N LEU E 14 18.63 -1.30 1.01
CA LEU E 14 17.22 -1.07 0.78
C LEU E 14 16.70 -1.97 -0.35
N SER E 15 17.42 -2.07 -1.46
CA SER E 15 16.95 -2.91 -2.58
C SER E 15 17.01 -4.36 -2.23
N GLN E 16 18.01 -4.80 -1.42
CA GLN E 16 18.14 -6.21 -1.08
C GLN E 16 16.97 -6.63 -0.18
N VAL E 17 16.63 -5.78 0.82
CA VAL E 17 15.54 -6.07 1.76
C VAL E 17 14.18 -5.99 1.04
N LEU E 18 14.00 -5.04 0.10
CA LEU E 18 12.76 -4.95 -0.68
C LEU E 18 12.61 -6.11 -1.67
N ALA E 19 13.72 -6.76 -2.07
CA ALA E 19 13.69 -7.88 -3.01
C ALA E 19 13.14 -9.15 -2.36
N ARG E 20 13.64 -9.51 -1.15
CA ARG E 20 13.22 -10.68 -0.37
C ARG E 20 13.89 -10.66 1.01
N LYS F 2 1.50 -7.34 5.40
CA LYS F 2 1.99 -6.68 4.20
C LYS F 2 3.38 -7.24 3.82
N ASP F 3 3.41 -8.50 3.30
CA ASP F 3 4.60 -9.26 2.84
C ASP F 3 4.19 -10.30 1.79
N PRO F 4 4.84 -10.33 0.59
CA PRO F 4 4.42 -11.30 -0.45
C PRO F 4 4.62 -12.77 -0.09
N ASN F 5 5.65 -13.13 0.71
CA ASN F 5 5.87 -14.52 1.11
C ASN F 5 4.73 -15.04 1.99
N GLU F 6 4.24 -14.19 2.91
CA GLU F 6 3.14 -14.44 3.84
C GLU F 6 1.81 -14.64 3.07
N VAL F 7 1.44 -13.69 2.17
CA VAL F 7 0.26 -13.78 1.30
C VAL F 7 0.38 -15.08 0.45
N ARG F 8 1.58 -15.37 -0.07
CA ARG F 8 1.78 -16.59 -0.86
C ARG F 8 1.42 -17.81 0.00
N SER F 9 2.04 -17.97 1.21
CA SER F 9 1.77 -19.14 2.04
C SER F 9 0.33 -19.14 2.57
N PHE F 10 -0.23 -17.96 2.90
CA PHE F 10 -1.61 -17.86 3.36
C PHE F 10 -2.60 -18.37 2.28
N LEU F 11 -2.47 -17.88 1.04
CA LEU F 11 -3.35 -18.28 -0.04
C LEU F 11 -3.11 -19.75 -0.40
N GLN F 12 -1.89 -20.29 -0.15
CA GLN F 12 -1.65 -21.72 -0.40
C GLN F 12 -2.44 -22.52 0.63
N ASP F 13 -2.40 -22.08 1.91
CA ASP F 13 -3.09 -22.68 3.05
C ASP F 13 -4.60 -22.65 2.88
N LEU F 14 -5.15 -21.49 2.48
CA LEU F 14 -6.57 -21.33 2.30
C LEU F 14 -7.11 -22.20 1.14
N SER F 15 -6.42 -22.24 -0.03
CA SER F 15 -6.90 -23.04 -1.16
C SER F 15 -6.89 -24.53 -0.80
N GLN F 16 -5.90 -24.97 0.00
CA GLN F 16 -5.79 -26.35 0.45
C GLN F 16 -6.99 -26.71 1.36
N VAL F 17 -7.30 -25.85 2.38
CA VAL F 17 -8.41 -26.11 3.32
C VAL F 17 -9.75 -26.05 2.57
N LEU F 18 -9.95 -25.04 1.70
CA LEU F 18 -11.18 -24.90 0.94
C LEU F 18 -11.43 -26.06 -0.02
N ALA F 19 -10.35 -26.63 -0.60
CA ALA F 19 -10.47 -27.73 -1.56
C ALA F 19 -10.80 -29.07 -0.87
N ARG F 20 -10.36 -29.25 0.38
CA ARG F 20 -10.60 -30.46 1.18
C ARG F 20 -12.06 -30.57 1.60
C1 GOL G . -14.71 2.63 -2.16
O1 GOL G . -15.87 2.00 -1.60
C2 GOL G . -13.44 2.10 -1.55
O2 GOL G . -13.57 0.70 -1.33
C3 GOL G . -12.27 2.33 -2.48
O3 GOL G . -11.57 3.51 -2.14
C1 GOL H . 11.22 22.42 -3.15
O1 GOL H . 11.79 22.37 -4.45
C2 GOL H . 9.85 21.77 -3.13
O2 GOL H . 9.93 20.47 -3.71
C3 GOL H . 8.76 22.58 -3.78
O3 GOL H . 7.47 22.10 -3.42
#